data_7K7J
#
_entry.id   7K7J
#
_cell.length_a   105.310
_cell.length_b   105.310
_cell.length_c   188.724
_cell.angle_alpha   90.00
_cell.angle_beta   90.00
_cell.angle_gamma   90.00
#
_symmetry.space_group_name_H-M   'P 43 21 2'
#
loop_
_entity.id
_entity.type
_entity.pdbx_description
1 polymer 'Ephrin type-B receptor 6'
2 branched 2-acetamido-2-deoxy-beta-D-glucopyranose-(1-4)-2-acetamido-2-deoxy-beta-D-glucopyranose
#
_entity_poly.entity_id   1
_entity_poly.type   'polypeptide(L)'
_entity_poly.pdbx_seq_one_letter_code
;EEVLLDTTGETSEIGWLTYPPGGWDEVSVLDDQRRLTRTFEACHVAGAPPGTGQDNWLQTHFVERRGAQRAHIRLHFSVR
ACSSLGVSGGTCRETFTLYYRQAEEPDSPDSVSSWHLKRWTKVDTIAADESFPSSSSSSSSSSSSAAWAVGPHGAGQRAG
LQLNVKERSFGPLTQRGFYVAFQDTGACLALVAVRLFSYTCPAVLRSFASFPETQASGAGGASLVAAVGTCVAHAEPEED
GVGGQAGGSPPRLHCNGEGKWMVAVGGCRCQPGYQPARGDKACQACPRGLYKASAGNAPCSPCPARSHAPNPAAPVCPCL
EGFYRASSDPPEAPCTGPPSAPQELWFEVQGSALMLHWRLPRELGGRGDLLFNVVCKECEGRQEPASGGGGTCHRCRDEV
HFDPRQRGLTESRVLVGGLRAHVPYILEVQAVNGVSELSPDPPQAAAINVSTSHEVPSAVPVVHQVSRASNSITVSWPQP
DQTNGNILDYQLRYYDQAEDESHSFTLTSETNTATVTQLSPGHIYGFQVRARTAAGHGPYGGKVYFQ
;
_entity_poly.pdbx_strand_id   A
#
loop_
_chem_comp.id
_chem_comp.type
_chem_comp.name
_chem_comp.formula
NAG D-saccharide, beta linking 2-acetamido-2-deoxy-beta-D-glucopyranose 'C8 H15 N O6'
#
# COMPACT_ATOMS: atom_id res chain seq x y z
N GLU A 1 -5.85 18.16 14.76
CA GLU A 1 -5.96 19.12 15.88
C GLU A 1 -6.65 18.62 17.19
N GLU A 2 -5.92 18.58 18.30
CA GLU A 2 -6.40 17.96 19.53
C GLU A 2 -6.36 18.95 20.69
N VAL A 3 -7.51 19.21 21.28
CA VAL A 3 -7.64 20.33 22.22
C VAL A 3 -7.19 19.91 23.62
N LEU A 4 -6.41 20.77 24.27
CA LEU A 4 -6.01 20.59 25.65
C LEU A 4 -6.61 21.60 26.60
N LEU A 5 -7.12 22.73 26.10
CA LEU A 5 -7.81 23.74 26.90
C LEU A 5 -8.53 24.70 25.97
N ASP A 6 -9.84 24.87 26.18
CA ASP A 6 -10.58 25.88 25.47
C ASP A 6 -11.52 26.62 26.40
N THR A 7 -11.35 27.94 26.38
CA THR A 7 -12.13 28.93 27.09
C THR A 7 -13.56 29.01 26.61
N THR A 8 -13.81 28.80 25.32
CA THR A 8 -15.17 28.82 24.78
C THR A 8 -15.72 27.40 24.83
N GLY A 9 -15.92 26.92 26.06
CA GLY A 9 -16.37 25.56 26.26
C GLY A 9 -16.62 25.26 27.71
N GLU A 10 -17.75 24.59 27.98
CA GLU A 10 -18.23 24.24 29.33
C GLU A 10 -17.96 25.37 30.33
N THR A 11 -18.30 26.57 29.86
CA THR A 11 -18.44 27.87 30.50
C THR A 11 -17.15 28.62 30.83
N SER A 12 -16.07 27.94 31.25
CA SER A 12 -14.71 28.29 30.84
C SER A 12 -13.77 27.11 31.09
N GLU A 13 -14.14 26.30 32.09
CA GLU A 13 -13.23 25.35 32.75
C GLU A 13 -12.02 26.08 33.35
N ILE A 14 -12.30 26.76 34.47
CA ILE A 14 -11.35 27.68 35.11
C ILE A 14 -11.17 27.34 36.59
N GLY A 15 -9.90 27.24 37.02
CA GLY A 15 -9.39 27.39 38.37
C GLY A 15 -8.12 28.28 38.43
N TRP A 16 -8.10 29.45 37.78
CA TRP A 16 -6.85 30.19 37.58
C TRP A 16 -6.53 31.12 38.76
N LEU A 17 -5.32 31.70 38.74
CA LEU A 17 -4.92 32.60 39.82
C LEU A 17 -3.97 33.68 39.32
N THR A 18 -3.71 34.66 40.19
CA THR A 18 -2.96 35.87 39.88
C THR A 18 -1.88 36.09 40.92
N TYR A 19 -0.64 36.32 40.50
CA TYR A 19 0.35 36.31 41.57
C TYR A 19 0.22 37.48 42.51
N PRO A 20 0.48 38.72 42.11
CA PRO A 20 0.20 39.81 43.04
C PRO A 20 -1.29 39.94 43.13
N PRO A 21 -1.88 39.69 44.30
CA PRO A 21 -3.33 39.71 44.40
C PRO A 21 -3.92 40.94 43.73
N GLY A 22 -4.98 40.72 42.96
CA GLY A 22 -5.55 41.76 42.13
C GLY A 22 -4.71 42.15 40.93
N GLY A 23 -3.63 41.42 40.65
CA GLY A 23 -2.82 41.74 39.48
C GLY A 23 -3.62 41.60 38.21
N TRP A 24 -4.31 40.49 38.06
CA TRP A 24 -5.31 40.30 37.02
C TRP A 24 -6.67 40.22 37.66
N ASP A 25 -7.68 40.72 36.95
CA ASP A 25 -9.05 40.81 37.43
C ASP A 25 -9.94 40.07 36.45
N GLU A 26 -10.73 39.12 36.93
CA GLU A 26 -11.72 38.47 36.09
C GLU A 26 -12.95 39.34 36.03
N VAL A 27 -13.29 39.78 34.83
CA VAL A 27 -14.52 40.48 34.51
C VAL A 27 -15.27 39.70 33.43
N SER A 28 -16.54 39.41 33.67
CA SER A 28 -17.37 38.63 32.76
C SER A 28 -18.23 39.55 31.91
N VAL A 29 -18.42 39.16 30.64
CA VAL A 29 -19.16 39.97 29.67
C VAL A 29 -20.01 39.06 28.81
N LEU A 30 -20.82 39.68 27.94
CA LEU A 30 -21.48 39.03 26.81
C LEU A 30 -20.75 39.32 25.50
N ASP A 31 -20.40 38.28 24.75
CA ASP A 31 -19.68 38.42 23.49
C ASP A 31 -20.65 38.69 22.35
N ASP A 32 -20.08 39.05 21.18
CA ASP A 32 -20.80 39.52 20.00
C ASP A 32 -22.09 38.75 19.77
N GLN A 33 -22.06 37.45 20.03
CA GLN A 33 -23.21 36.57 19.91
C GLN A 33 -23.48 35.92 21.27
N ARG A 34 -24.20 36.63 22.13
CA ARG A 34 -25.09 35.98 23.10
C ARG A 34 -24.43 35.30 24.31
N ARG A 35 -23.12 35.06 24.32
CA ARG A 35 -22.57 34.03 25.18
C ARG A 35 -21.77 34.61 26.34
N LEU A 36 -21.99 34.07 27.54
CA LEU A 36 -21.18 34.44 28.70
C LEU A 36 -19.72 34.07 28.49
N THR A 37 -18.85 35.02 28.81
CA THR A 37 -17.43 34.96 28.50
C THR A 37 -16.64 35.41 29.72
N ARG A 38 -15.75 34.54 30.20
CA ARG A 38 -14.87 34.91 31.30
C ARG A 38 -13.59 35.46 30.69
N THR A 39 -13.26 36.70 31.04
CA THR A 39 -12.06 37.36 30.55
C THR A 39 -11.31 37.94 31.74
N PHE A 40 -10.00 38.17 31.56
CA PHE A 40 -9.13 38.69 32.60
C PHE A 40 -8.48 39.99 32.17
N GLU A 41 -8.45 40.97 33.07
CA GLU A 41 -7.96 42.31 32.74
C GLU A 41 -6.78 42.67 33.62
N ALA A 42 -5.93 43.56 33.09
CA ALA A 42 -4.78 44.09 33.83
C ALA A 42 -4.50 45.47 33.25
N CYS A 43 -4.87 46.51 33.98
CA CYS A 43 -4.65 47.85 33.49
C CYS A 43 -4.16 48.74 34.63
N HIS A 44 -3.22 48.23 35.41
CA HIS A 44 -2.76 49.03 36.53
C HIS A 44 -2.00 50.26 36.10
N VAL A 45 -1.75 50.43 34.80
CA VAL A 45 -0.87 51.49 34.32
C VAL A 45 -1.44 52.85 34.67
N ALA A 46 -2.77 52.96 34.69
CA ALA A 46 -3.44 54.19 35.10
C ALA A 46 -3.30 54.52 36.67
N GLY A 47 -2.46 53.83 37.45
CA GLY A 47 -2.33 54.04 38.89
C GLY A 47 -1.37 55.15 39.27
N ALA A 48 -0.38 54.88 40.12
CA ALA A 48 0.55 55.94 40.53
C ALA A 48 1.40 56.37 39.33
N PRO A 49 1.61 57.66 39.14
CA PRO A 49 2.32 58.15 37.93
C PRO A 49 3.73 57.58 37.80
N PRO A 50 4.48 57.40 38.88
CA PRO A 50 5.70 56.58 38.75
C PRO A 50 5.39 55.15 38.33
N GLY A 51 4.18 54.66 38.60
CA GLY A 51 3.82 53.31 38.25
C GLY A 51 4.27 52.34 39.33
N THR A 52 5.36 52.68 40.01
CA THR A 52 6.01 51.83 41.00
C THR A 52 6.40 50.48 40.41
N GLY A 53 6.30 50.34 39.09
CA GLY A 53 6.57 49.10 38.39
C GLY A 53 5.35 48.21 38.34
N GLN A 54 5.24 47.46 37.26
CA GLN A 54 4.16 46.50 37.09
C GLN A 54 4.77 45.14 36.83
N ASP A 55 4.35 44.14 37.63
CA ASP A 55 4.69 42.74 37.36
C ASP A 55 3.53 41.87 37.89
N ASN A 56 2.56 41.64 37.02
CA ASN A 56 1.27 41.03 37.38
C ASN A 56 1.10 39.76 36.57
N TRP A 57 1.09 38.62 37.24
CA TRP A 57 1.06 37.34 36.56
C TRP A 57 -0.33 36.71 36.60
N LEU A 58 -0.59 35.82 35.65
CA LEU A 58 -1.87 35.13 35.54
C LEU A 58 -1.61 33.69 35.10
N GLN A 59 -1.97 32.72 35.93
CA GLN A 59 -1.59 31.32 35.73
C GLN A 59 -2.84 30.49 35.46
N THR A 60 -2.72 29.49 34.60
CA THR A 60 -3.83 28.61 34.26
C THR A 60 -4.01 27.54 35.33
N HIS A 61 -5.00 26.70 35.11
CA HIS A 61 -5.03 25.50 35.90
C HIS A 61 -4.07 24.50 35.26
N PHE A 62 -3.74 23.46 36.01
CA PHE A 62 -2.93 22.39 35.47
C PHE A 62 -3.57 21.81 34.22
N VAL A 63 -2.84 21.83 33.12
CA VAL A 63 -3.30 21.27 31.86
C VAL A 63 -2.67 19.91 31.72
N GLU A 64 -3.50 18.90 31.50
CA GLU A 64 -2.96 17.58 31.25
C GLU A 64 -2.48 17.53 29.83
N ARG A 65 -1.35 16.84 29.64
CA ARG A 65 -0.52 16.95 28.45
C ARG A 65 -0.95 16.02 27.32
N ARG A 66 -2.18 15.55 27.30
CA ARG A 66 -2.47 14.12 27.16
C ARG A 66 -1.40 13.34 26.42
N GLY A 67 -1.23 13.57 25.13
CA GLY A 67 -0.13 12.90 24.47
C GLY A 67 0.70 13.84 23.62
N ALA A 68 0.18 15.05 23.50
CA ALA A 68 0.82 16.13 22.77
C ALA A 68 2.28 16.22 23.15
N GLN A 69 3.13 16.43 22.15
CA GLN A 69 4.53 16.74 22.40
C GLN A 69 4.85 18.20 22.19
N ARG A 70 4.04 18.91 21.41
CA ARG A 70 4.31 20.28 21.00
C ARG A 70 2.98 21.03 21.13
N ALA A 71 2.92 21.96 22.08
CA ALA A 71 1.68 22.66 22.39
C ALA A 71 1.60 23.93 21.57
N HIS A 72 0.44 24.16 20.97
CA HIS A 72 0.14 25.42 20.29
C HIS A 72 -0.89 26.19 21.10
N ILE A 73 -0.78 27.51 21.09
CA ILE A 73 -1.66 28.35 21.88
C ILE A 73 -2.15 29.50 21.03
N ARG A 74 -3.44 29.79 21.13
CA ARG A 74 -4.12 30.80 20.32
C ARG A 74 -4.84 31.76 21.27
N LEU A 75 -4.39 33.01 21.28
CA LEU A 75 -4.86 34.07 22.17
C LEU A 75 -5.73 35.11 21.46
N HIS A 76 -6.82 35.50 22.10
CA HIS A 76 -7.66 36.62 21.69
C HIS A 76 -7.63 37.69 22.78
N PHE A 77 -7.32 38.93 22.38
CA PHE A 77 -7.09 39.96 23.41
C PHE A 77 -7.20 41.37 22.84
N SER A 78 -7.63 42.29 23.71
CA SER A 78 -7.65 43.72 23.50
C SER A 78 -6.48 44.34 24.25
N VAL A 79 -5.95 45.42 23.70
CA VAL A 79 -4.93 46.18 24.41
C VAL A 79 -5.18 47.65 24.14
N ARG A 80 -5.22 48.46 25.20
CA ARG A 80 -5.47 49.88 25.08
C ARG A 80 -4.16 50.60 24.75
N ALA A 81 -4.22 51.53 23.79
CA ALA A 81 -3.03 52.27 23.37
C ALA A 81 -2.53 53.18 24.47
N CYS A 82 -1.20 53.27 24.59
CA CYS A 82 -0.63 54.09 25.66
C CYS A 82 -0.93 55.56 25.45
N SER A 83 -1.02 56.00 24.20
CA SER A 83 -1.34 57.39 23.89
C SER A 83 -2.67 57.82 24.49
N SER A 84 -3.54 56.88 24.82
CA SER A 84 -4.91 57.14 25.22
C SER A 84 -5.13 56.95 26.73
N LEU A 85 -4.11 57.21 27.54
CA LEU A 85 -4.19 57.06 28.98
C LEU A 85 -3.56 58.29 29.64
N GLY A 86 -3.51 58.29 30.97
CA GLY A 86 -2.88 59.38 31.68
C GLY A 86 -1.41 59.48 31.35
N VAL A 87 -0.78 60.57 31.78
CA VAL A 87 0.58 60.88 31.37
C VAL A 87 1.47 59.75 31.90
N SER A 88 1.89 58.88 31.01
CA SER A 88 2.57 57.65 31.37
C SER A 88 3.80 57.46 30.50
N GLY A 89 4.60 58.52 30.41
CA GLY A 89 5.86 58.45 29.70
C GLY A 89 6.71 57.31 30.23
N GLY A 90 7.15 56.43 29.33
CA GLY A 90 8.08 55.38 29.68
C GLY A 90 7.45 54.12 30.25
N THR A 91 6.73 54.25 31.37
CA THR A 91 6.25 53.07 32.10
C THR A 91 5.20 52.27 31.33
N CYS A 92 4.58 52.85 30.31
CA CYS A 92 3.53 52.17 29.58
C CYS A 92 4.12 51.29 28.48
N ARG A 93 3.56 50.09 28.35
CA ARG A 93 3.89 49.14 27.31
C ARG A 93 2.62 48.72 26.58
N GLU A 94 2.81 47.99 25.49
CA GLU A 94 1.70 47.55 24.68
C GLU A 94 1.82 46.06 24.38
N THR A 95 2.54 45.36 25.25
CA THR A 95 2.89 43.96 25.08
C THR A 95 2.72 43.21 26.39
N PHE A 96 2.61 41.90 26.28
CA PHE A 96 2.74 41.01 27.41
C PHE A 96 3.52 39.79 26.98
N THR A 97 4.23 39.17 27.93
CA THR A 97 4.98 38.00 27.55
C THR A 97 4.28 36.77 28.14
N LEU A 98 4.74 35.61 27.67
CA LEU A 98 4.00 34.38 27.79
C LEU A 98 4.95 33.27 28.24
N TYR A 99 4.48 32.43 29.18
CA TYR A 99 5.35 31.42 29.76
C TYR A 99 4.63 30.10 29.94
N TYR A 100 5.42 29.03 30.08
CA TYR A 100 4.90 27.73 30.50
C TYR A 100 5.90 27.09 31.46
N ARG A 101 5.43 26.06 32.15
CA ARG A 101 6.27 25.28 33.04
C ARG A 101 5.64 23.90 33.10
N GLN A 102 6.48 22.92 33.34
CA GLN A 102 6.02 21.55 33.31
C GLN A 102 5.79 21.02 34.71
N ALA A 103 4.95 20.00 34.77
CA ALA A 103 4.65 19.31 36.01
C ALA A 103 4.24 17.90 35.68
N GLU A 104 4.58 16.96 36.56
CA GLU A 104 4.05 15.63 36.46
C GLU A 104 2.89 15.39 37.40
N GLU A 105 2.63 16.32 38.31
CA GLU A 105 1.46 16.26 39.15
C GLU A 105 0.93 17.68 39.24
N PRO A 106 -0.39 17.87 39.27
CA PRO A 106 -0.93 19.19 39.59
C PRO A 106 -0.30 19.72 40.86
N ASP A 107 -0.29 21.02 41.02
CA ASP A 107 0.64 21.67 41.93
C ASP A 107 0.19 21.39 43.36
N SER A 108 0.66 20.29 43.90
CA SER A 108 0.98 20.17 45.33
C SER A 108 -0.03 20.81 46.29
N PRO A 109 -1.08 20.08 46.68
CA PRO A 109 -2.25 20.70 47.32
C PRO A 109 -1.94 21.63 48.48
N ASP A 110 -2.19 22.92 48.29
CA ASP A 110 -2.29 23.89 49.37
C ASP A 110 -0.96 24.13 50.06
N SER A 111 0.02 23.28 49.82
CA SER A 111 1.23 23.36 50.60
C SER A 111 2.41 23.83 49.76
N VAL A 112 2.26 23.89 48.45
CA VAL A 112 3.26 24.53 47.61
C VAL A 112 2.55 25.42 46.60
N SER A 113 1.22 25.38 46.54
CA SER A 113 0.63 25.93 45.32
C SER A 113 0.44 27.44 45.42
N SER A 114 1.50 28.12 45.83
CA SER A 114 1.74 29.52 45.52
C SER A 114 3.03 29.52 44.69
N TRP A 115 2.83 29.72 43.39
CA TRP A 115 3.69 29.15 42.37
C TRP A 115 4.86 30.06 42.09
N HIS A 116 4.75 30.94 41.07
CA HIS A 116 5.50 32.17 40.86
C HIS A 116 6.98 32.18 41.26
N LEU A 117 7.40 31.20 42.04
CA LEU A 117 8.81 31.02 42.35
C LEU A 117 9.31 29.84 41.59
N LYS A 118 8.41 29.18 40.89
CA LYS A 118 8.75 28.05 40.07
C LYS A 118 9.38 28.55 38.77
N ARG A 119 10.27 27.73 38.23
CA ARG A 119 11.02 28.09 37.03
C ARG A 119 10.05 28.15 35.86
N TRP A 120 9.74 29.36 35.41
CA TRP A 120 8.94 29.55 34.22
C TRP A 120 9.81 29.68 32.98
N THR A 121 9.41 28.99 31.91
CA THR A 121 10.09 29.06 30.62
C THR A 121 9.34 30.01 29.67
N LYS A 122 10.08 30.98 29.14
CA LYS A 122 9.52 31.99 28.25
C LYS A 122 9.29 31.43 26.86
N VAL A 123 8.24 31.93 26.25
CA VAL A 123 7.70 31.44 25.00
C VAL A 123 7.92 32.54 24.00
N ASP A 124 7.39 33.74 24.29
CA ASP A 124 7.62 34.94 23.49
C ASP A 124 6.88 36.10 24.14
N THR A 125 7.34 37.32 23.86
CA THR A 125 6.56 38.52 24.12
C THR A 125 5.62 38.73 22.93
N ILE A 126 4.40 39.18 23.21
CA ILE A 126 3.35 39.31 22.21
C ILE A 126 2.95 40.76 22.14
N ALA A 127 2.69 41.25 20.93
CA ALA A 127 2.25 42.61 20.72
C ALA A 127 1.04 42.60 19.80
N ALA A 128 0.23 43.63 19.89
CA ALA A 128 -0.93 43.67 19.01
C ALA A 128 -0.56 44.23 17.64
N ASP A 129 -1.38 43.88 16.66
CA ASP A 129 -1.23 44.35 15.28
C ASP A 129 -2.03 45.64 15.10
N GLU A 130 -1.63 46.68 15.85
CA GLU A 130 -2.38 47.92 15.93
C GLU A 130 -2.48 48.62 14.57
N SER A 131 -3.67 49.16 14.29
CA SER A 131 -3.97 49.84 13.03
C SER A 131 -3.57 48.99 11.82
N GLY A 154 -10.32 52.37 31.68
CA GLY A 154 -9.73 51.03 31.68
C GLY A 154 -9.72 50.28 30.35
N ALA A 155 -9.73 48.94 30.38
CA ALA A 155 -9.76 48.13 29.17
C ALA A 155 -11.21 47.76 28.84
N GLY A 156 -11.39 46.90 27.83
CA GLY A 156 -12.69 46.28 27.60
C GLY A 156 -13.09 46.05 26.14
N GLN A 157 -13.43 44.81 25.80
CA GLN A 157 -13.81 44.47 24.42
C GLN A 157 -15.15 45.12 24.08
N ARG A 158 -15.10 46.07 23.15
CA ARG A 158 -16.24 46.85 22.67
C ARG A 158 -17.00 46.17 21.55
N ALA A 159 -16.46 45.09 20.97
CA ALA A 159 -16.98 44.42 19.78
C ALA A 159 -16.73 45.21 18.49
N GLY A 160 -15.63 45.96 18.41
CA GLY A 160 -15.27 46.65 17.20
C GLY A 160 -14.21 45.90 16.41
N LEU A 161 -14.06 44.61 16.73
CA LEU A 161 -12.97 43.77 16.23
C LEU A 161 -11.61 44.41 16.50
N GLN A 162 -11.50 45.09 17.65
CA GLN A 162 -10.20 45.35 18.29
C GLN A 162 -9.58 44.08 18.83
N LEU A 163 -10.20 42.95 18.55
CA LEU A 163 -9.79 41.68 19.14
C LEU A 163 -8.65 41.10 18.32
N ASN A 164 -7.47 41.10 18.91
CA ASN A 164 -6.28 40.56 18.29
C ASN A 164 -6.22 39.05 18.47
N VAL A 165 -5.72 38.37 17.43
CA VAL A 165 -5.49 36.94 17.47
C VAL A 165 -4.00 36.73 17.25
N LYS A 166 -3.37 35.98 18.15
CA LYS A 166 -1.96 35.65 17.98
C LYS A 166 -1.78 34.17 18.35
N GLU A 167 -0.72 33.54 17.81
CA GLU A 167 -0.47 32.12 18.05
C GLU A 167 1.02 31.89 18.25
N ARG A 168 1.37 30.99 19.18
CA ARG A 168 2.78 30.60 19.45
C ARG A 168 2.80 29.11 19.81
N SER A 169 3.99 28.54 20.07
CA SER A 169 4.06 27.11 20.45
C SER A 169 5.27 26.81 21.35
N PHE A 170 5.18 25.74 22.15
CA PHE A 170 6.20 25.46 23.16
C PHE A 170 6.88 24.18 22.82
N GLY A 171 8.22 24.19 22.95
CA GLY A 171 9.09 23.06 22.68
C GLY A 171 8.74 21.87 23.54
N PRO A 172 9.48 20.77 23.36
CA PRO A 172 8.92 19.44 23.62
C PRO A 172 8.31 19.29 25.01
N LEU A 173 7.12 18.68 25.05
CA LEU A 173 6.42 18.38 26.30
C LEU A 173 6.56 16.90 26.62
N THR A 174 6.99 16.60 27.84
CA THR A 174 7.33 15.22 28.18
C THR A 174 6.75 14.78 29.51
N GLN A 175 6.49 15.73 30.41
CA GLN A 175 5.88 15.42 31.69
C GLN A 175 4.36 15.19 31.53
N ARG A 176 3.64 15.01 32.63
CA ARG A 176 2.26 14.59 32.48
C ARG A 176 1.36 15.74 32.07
N GLY A 177 1.76 16.97 32.40
CA GLY A 177 1.04 18.14 31.96
C GLY A 177 1.89 19.38 32.18
N PHE A 178 1.25 20.53 32.09
CA PHE A 178 1.96 21.79 32.22
C PHE A 178 0.99 22.88 32.70
N TYR A 179 1.58 24.00 33.13
CA TYR A 179 0.88 25.25 33.37
C TYR A 179 1.33 26.28 32.36
N VAL A 180 0.47 27.28 32.12
CA VAL A 180 0.76 28.43 31.26
C VAL A 180 0.52 29.71 32.07
N ALA A 181 1.41 30.68 31.94
CA ALA A 181 1.32 31.91 32.71
C ALA A 181 1.44 33.12 31.79
N PHE A 182 0.75 34.20 32.17
CA PHE A 182 0.71 35.45 31.40
C PHE A 182 1.26 36.59 32.25
N GLN A 183 2.20 37.37 31.69
CA GLN A 183 2.85 38.45 32.43
C GLN A 183 2.57 39.80 31.81
N ASP A 184 2.00 40.72 32.59
CA ASP A 184 1.75 42.11 32.20
C ASP A 184 2.76 42.99 32.93
N THR A 185 3.48 43.83 32.20
CA THR A 185 4.50 44.68 32.80
C THR A 185 4.26 46.14 32.48
N GLY A 186 3.00 46.54 32.28
CA GLY A 186 2.72 47.92 31.96
C GLY A 186 1.75 48.09 30.81
N ALA A 187 1.10 47.02 30.40
CA ALA A 187 0.09 47.14 29.38
C ALA A 187 -1.29 47.24 30.02
N CYS A 188 -2.23 47.75 29.25
CA CYS A 188 -3.63 47.78 29.63
C CYS A 188 -4.33 46.72 28.77
N LEU A 189 -4.41 45.52 29.33
CA LEU A 189 -4.66 44.28 28.61
C LEU A 189 -5.98 43.65 29.02
N ALA A 190 -6.61 42.97 28.06
CA ALA A 190 -7.79 42.14 28.33
C ALA A 190 -7.67 40.84 27.54
N LEU A 191 -7.18 39.79 28.21
CA LEU A 191 -7.33 38.41 27.74
C LEU A 191 -8.80 38.02 27.59
N VAL A 192 -9.18 37.57 26.40
CA VAL A 192 -10.56 37.21 26.10
C VAL A 192 -10.74 35.72 25.88
N ALA A 193 -9.85 35.09 25.14
CA ALA A 193 -9.97 33.66 24.89
C ALA A 193 -8.60 33.01 24.86
N VAL A 194 -8.52 31.75 25.28
CA VAL A 194 -7.30 30.97 25.14
C VAL A 194 -7.65 29.59 24.63
N ARG A 195 -6.86 29.08 23.70
CA ARG A 195 -7.04 27.74 23.19
C ARG A 195 -5.69 27.06 23.12
N LEU A 196 -5.51 26.00 23.90
CA LEU A 196 -4.30 25.20 23.94
C LEU A 196 -4.56 23.90 23.20
N PHE A 197 -3.74 23.59 22.20
CA PHE A 197 -3.97 22.37 21.45
C PHE A 197 -2.65 21.83 20.89
N SER A 198 -2.74 20.68 20.24
CA SER A 198 -1.63 20.18 19.44
C SER A 198 -2.20 19.64 18.16
N TYR A 199 -1.32 19.56 17.16
CA TYR A 199 -1.67 19.03 15.86
C TYR A 199 -1.41 17.53 15.82
N THR A 200 -2.31 16.80 15.20
CA THR A 200 -2.11 15.37 15.11
C THR A 200 -2.31 14.94 13.66
N CYS A 201 -1.58 13.93 13.26
CA CYS A 201 -1.86 13.51 11.89
C CYS A 201 -2.92 12.41 11.90
N PRO A 202 -3.96 12.54 11.09
CA PRO A 202 -5.04 11.56 11.11
C PRO A 202 -4.58 10.21 10.62
N ALA A 203 -5.10 9.15 11.24
CA ALA A 203 -4.89 7.82 10.70
C ALA A 203 -5.51 7.73 9.30
N VAL A 204 -4.83 7.03 8.39
CA VAL A 204 -5.20 7.08 6.98
C VAL A 204 -4.72 5.83 6.29
N LEU A 205 -5.35 5.52 5.15
CA LEU A 205 -4.87 4.50 4.22
C LEU A 205 -4.15 5.20 3.08
N ARG A 206 -2.85 4.96 2.98
CA ARG A 206 -2.02 5.58 1.96
C ARG A 206 -1.04 4.53 1.47
N SER A 207 -0.91 4.43 0.15
CA SER A 207 0.08 3.55 -0.46
C SER A 207 -0.15 2.09 -0.05
N PHE A 208 -1.43 1.68 -0.07
CA PHE A 208 -1.80 0.30 0.23
C PHE A 208 -1.38 -0.12 1.63
N ALA A 209 -1.36 0.84 2.54
CA ALA A 209 -1.02 0.57 3.92
C ALA A 209 -1.90 1.43 4.82
N SER A 210 -1.93 1.04 6.08
CA SER A 210 -2.62 1.78 7.12
C SER A 210 -1.58 2.49 7.97
N PHE A 211 -1.86 3.73 8.31
CA PHE A 211 -0.99 4.45 9.22
C PHE A 211 -1.80 5.00 10.39
N PRO A 212 -1.30 4.87 11.61
CA PRO A 212 -2.04 5.35 12.78
C PRO A 212 -2.06 6.86 12.92
N GLU A 213 -3.04 7.35 13.67
CA GLU A 213 -3.04 8.74 14.11
C GLU A 213 -1.79 9.02 14.93
N THR A 214 -1.06 10.06 14.54
CA THR A 214 0.30 10.27 14.98
C THR A 214 0.44 11.65 15.58
N GLN A 215 1.16 11.75 16.69
CA GLN A 215 1.16 12.99 17.45
C GLN A 215 2.15 14.01 16.90
N ALA A 216 2.46 15.00 17.73
CA ALA A 216 3.87 15.33 17.84
C ALA A 216 4.53 15.95 16.63
N SER A 217 4.41 17.25 16.45
CA SER A 217 5.63 17.93 15.98
C SER A 217 6.84 17.44 16.80
N GLY A 218 6.74 17.60 18.14
CA GLY A 218 7.88 17.40 19.00
C GLY A 218 8.71 18.67 19.16
N ALA A 219 9.70 18.83 18.29
CA ALA A 219 10.66 19.90 18.46
C ALA A 219 10.29 21.19 17.76
N GLY A 220 9.33 21.18 16.85
CA GLY A 220 9.00 22.42 16.19
C GLY A 220 8.86 22.24 14.69
N GLY A 221 8.77 23.37 13.99
CA GLY A 221 8.08 23.40 12.71
C GLY A 221 8.67 22.47 11.67
N ALA A 222 9.97 22.41 11.59
CA ALA A 222 10.58 21.69 10.48
C ALA A 222 10.64 20.21 10.74
N SER A 223 10.66 19.82 12.01
CA SER A 223 10.87 18.44 12.35
C SER A 223 9.68 17.59 11.94
N LEU A 224 9.97 16.35 11.60
CA LEU A 224 8.98 15.35 11.26
C LEU A 224 8.97 14.23 12.30
N VAL A 225 7.87 13.49 12.31
CA VAL A 225 7.71 12.30 13.14
C VAL A 225 7.34 11.15 12.22
N ALA A 226 8.16 10.09 12.26
CA ALA A 226 8.06 8.97 11.33
C ALA A 226 7.09 7.93 11.85
N ALA A 227 6.26 7.40 10.94
CA ALA A 227 5.11 6.56 11.26
C ALA A 227 5.13 5.28 10.44
N VAL A 228 4.80 4.15 11.06
CA VAL A 228 4.94 2.84 10.42
C VAL A 228 3.58 2.33 9.96
N GLY A 229 3.54 1.82 8.74
CA GLY A 229 2.28 1.35 8.22
C GLY A 229 2.20 -0.15 8.13
N THR A 230 0.98 -0.67 8.17
CA THR A 230 0.75 -2.09 8.04
C THR A 230 -0.02 -2.34 6.75
N CYS A 231 0.34 -3.41 6.05
CA CYS A 231 -0.29 -3.66 4.75
C CYS A 231 -1.76 -3.97 4.94
N VAL A 232 -2.60 -3.31 4.14
CA VAL A 232 -4.04 -3.50 4.20
C VAL A 232 -4.38 -4.89 3.70
N ALA A 233 -5.67 -5.25 3.81
CA ALA A 233 -6.18 -6.54 3.36
C ALA A 233 -5.61 -6.91 2.01
N HIS A 234 -4.89 -8.03 1.99
CA HIS A 234 -4.37 -8.66 0.77
C HIS A 234 -3.25 -7.87 0.14
N ALA A 235 -2.37 -7.30 0.98
CA ALA A 235 -1.19 -6.62 0.49
C ALA A 235 0.07 -7.21 1.10
N GLU A 236 1.21 -6.94 0.46
CA GLU A 236 2.52 -7.38 0.88
C GLU A 236 3.49 -6.24 0.74
N PRO A 237 4.62 -6.26 1.45
CA PRO A 237 5.66 -5.25 1.23
C PRO A 237 6.25 -5.35 -0.17
N GLU A 238 7.08 -4.36 -0.52
CA GLU A 238 7.52 -4.12 -1.89
C GLU A 238 9.02 -4.34 -2.08
N GLU A 239 9.55 -5.42 -1.51
CA GLU A 239 10.99 -5.71 -1.58
C GLU A 239 11.53 -5.76 -3.00
N SER A 249 11.57 -0.71 2.54
CA SER A 249 10.42 -1.16 1.75
C SER A 249 9.15 -1.46 2.58
N PRO A 250 9.29 -1.99 3.80
CA PRO A 250 8.15 -2.01 4.74
C PRO A 250 7.73 -0.60 5.13
N PRO A 251 6.45 -0.27 4.96
CA PRO A 251 6.07 1.12 4.65
C PRO A 251 6.29 2.08 5.80
N ARG A 252 6.33 3.35 5.44
CA ARG A 252 6.69 4.42 6.35
C ARG A 252 6.08 5.71 5.82
N LEU A 253 5.70 6.61 6.72
CA LEU A 253 5.04 7.85 6.35
C LEU A 253 5.31 8.90 7.42
N HIS A 254 5.39 10.18 7.02
CA HIS A 254 5.91 11.22 7.91
C HIS A 254 4.91 12.31 8.23
N CYS A 255 4.83 12.67 9.53
CA CYS A 255 3.82 13.57 10.07
C CYS A 255 4.38 14.99 10.27
N ASN A 256 3.92 15.90 9.44
CA ASN A 256 4.30 17.31 9.45
C ASN A 256 3.89 17.99 10.76
N GLY A 257 4.54 19.11 11.05
CA GLY A 257 4.27 19.81 12.29
C GLY A 257 2.88 20.43 12.37
N GLU A 258 2.09 20.38 11.30
CA GLU A 258 0.76 20.96 11.30
C GLU A 258 -0.29 19.90 11.00
N GLY A 259 0.04 18.64 11.23
CA GLY A 259 -0.92 17.55 11.13
C GLY A 259 -1.08 16.93 9.77
N LYS A 260 -0.27 17.32 8.79
CA LYS A 260 -0.38 16.75 7.45
C LYS A 260 0.70 15.69 7.24
N TRP A 261 0.51 14.87 6.21
CA TRP A 261 1.37 13.72 5.98
C TRP A 261 2.32 14.03 4.81
N MET A 262 3.55 14.45 5.16
CA MET A 262 4.65 14.67 4.23
C MET A 262 5.16 13.31 3.74
N VAL A 263 6.16 13.36 2.86
CA VAL A 263 6.24 12.38 1.79
C VAL A 263 6.74 11.03 2.32
N ALA A 264 6.22 9.96 1.72
CA ALA A 264 6.31 8.59 2.17
C ALA A 264 7.56 7.91 1.65
N VAL A 265 7.89 6.80 2.28
CA VAL A 265 8.86 5.84 1.78
C VAL A 265 8.27 4.45 1.89
N GLY A 266 8.43 3.67 0.84
CA GLY A 266 7.89 2.33 0.79
C GLY A 266 6.40 2.31 0.52
N GLY A 267 5.80 1.19 0.86
CA GLY A 267 4.38 0.98 0.70
C GLY A 267 4.18 -0.45 0.28
N CYS A 268 3.02 -0.98 0.55
CA CYS A 268 2.72 -2.33 0.12
C CYS A 268 2.12 -2.35 -1.28
N ARG A 269 2.05 -3.55 -1.84
CA ARG A 269 1.38 -3.82 -3.10
C ARG A 269 0.37 -4.95 -2.91
N CYS A 270 -0.65 -4.97 -3.76
CA CYS A 270 -1.67 -6.01 -3.66
C CYS A 270 -1.03 -7.37 -3.93
N GLN A 271 -1.81 -8.42 -3.65
CA GLN A 271 -1.37 -9.81 -3.72
C GLN A 271 -1.93 -10.48 -4.96
N PRO A 272 -1.31 -11.58 -5.40
CA PRO A 272 -1.90 -12.34 -6.52
C PRO A 272 -3.38 -12.60 -6.28
N GLY A 273 -4.17 -12.47 -7.33
CA GLY A 273 -5.61 -12.59 -7.23
C GLY A 273 -6.31 -11.33 -6.76
N TYR A 274 -5.59 -10.32 -6.32
CA TYR A 274 -6.20 -9.11 -5.81
C TYR A 274 -5.70 -7.90 -6.58
N GLN A 275 -6.60 -6.97 -6.85
CA GLN A 275 -6.27 -5.77 -7.58
C GLN A 275 -6.55 -4.55 -6.74
N PRO A 276 -5.90 -3.43 -7.04
CA PRO A 276 -6.17 -2.20 -6.29
C PRO A 276 -7.61 -1.78 -6.43
N ALA A 277 -8.13 -1.15 -5.39
CA ALA A 277 -9.50 -0.66 -5.45
C ALA A 277 -9.61 0.49 -4.47
N ARG A 278 -10.52 1.41 -4.78
CA ARG A 278 -10.64 2.69 -4.09
C ARG A 278 -9.35 3.50 -4.15
N GLY A 279 -8.35 3.02 -4.89
CA GLY A 279 -7.18 3.79 -5.26
C GLY A 279 -6.15 3.75 -4.16
N ASP A 280 -5.03 3.06 -4.37
CA ASP A 280 -3.90 2.96 -3.41
C ASP A 280 -4.35 2.66 -1.98
N LYS A 281 -5.59 2.22 -1.80
CA LYS A 281 -6.27 2.24 -0.51
C LYS A 281 -6.72 0.86 -0.05
N ALA A 282 -7.12 -0.01 -0.97
CA ALA A 282 -7.45 -1.38 -0.62
C ALA A 282 -7.18 -2.28 -1.82
N CYS A 283 -7.20 -3.58 -1.56
CA CYS A 283 -7.06 -4.60 -2.59
C CYS A 283 -8.32 -5.45 -2.60
N GLN A 284 -8.95 -5.55 -3.77
CA GLN A 284 -10.16 -6.33 -3.94
C GLN A 284 -9.86 -7.52 -4.81
N ALA A 285 -10.53 -8.63 -4.53
CA ALA A 285 -10.35 -9.82 -5.32
C ALA A 285 -10.76 -9.59 -6.77
N CYS A 286 -10.02 -10.23 -7.68
CA CYS A 286 -10.43 -10.27 -9.08
C CYS A 286 -11.87 -10.79 -9.16
N PRO A 287 -12.67 -10.29 -10.09
CA PRO A 287 -13.97 -10.90 -10.34
C PRO A 287 -13.80 -12.25 -11.03
N ARG A 288 -14.91 -12.96 -11.16
CA ARG A 288 -14.86 -14.27 -11.81
C ARG A 288 -14.49 -14.09 -13.27
N GLY A 289 -13.76 -15.05 -13.80
CA GLY A 289 -13.29 -14.94 -15.16
C GLY A 289 -12.10 -14.03 -15.37
N LEU A 290 -11.58 -13.42 -14.31
CA LEU A 290 -10.36 -12.63 -14.39
C LEU A 290 -9.32 -13.24 -13.46
N TYR A 291 -8.08 -12.79 -13.60
CA TYR A 291 -6.98 -13.32 -12.80
C TYR A 291 -5.91 -12.26 -12.65
N LYS A 292 -5.00 -12.50 -11.73
CA LYS A 292 -3.83 -11.64 -11.58
C LYS A 292 -2.68 -12.52 -11.11
N ALA A 293 -1.78 -12.85 -12.03
CA ALA A 293 -0.68 -13.78 -11.75
C ALA A 293 0.15 -13.35 -10.55
N SER A 294 0.29 -12.05 -10.35
CA SER A 294 1.58 -11.65 -9.83
C SER A 294 1.57 -10.39 -8.97
N ALA A 295 2.72 -9.74 -9.00
CA ALA A 295 3.25 -8.94 -7.92
C ALA A 295 2.21 -8.09 -7.22
N GLY A 296 1.70 -7.05 -7.89
CA GLY A 296 1.33 -5.80 -7.21
C GLY A 296 0.23 -4.91 -7.75
N ASN A 297 0.50 -3.60 -7.85
CA ASN A 297 -0.53 -2.59 -8.15
C ASN A 297 -0.82 -2.58 -9.65
N ALA A 298 -1.70 -3.47 -10.04
CA ALA A 298 -1.91 -3.86 -11.43
C ALA A 298 -3.28 -4.52 -11.52
N PRO A 299 -4.10 -4.14 -12.49
CA PRO A 299 -5.46 -4.69 -12.55
C PRO A 299 -5.51 -6.13 -13.06
N CYS A 300 -6.52 -6.84 -12.59
CA CYS A 300 -6.79 -8.18 -13.09
C CYS A 300 -7.04 -8.13 -14.58
N SER A 301 -6.76 -9.24 -15.26
CA SER A 301 -6.98 -9.35 -16.69
C SER A 301 -7.78 -10.61 -16.98
N PRO A 302 -8.53 -10.61 -18.07
CA PRO A 302 -9.40 -11.75 -18.38
C PRO A 302 -8.64 -12.97 -18.87
N CYS A 303 -9.24 -14.12 -18.64
CA CYS A 303 -8.57 -15.41 -18.78
C CYS A 303 -8.11 -15.61 -20.21
N PRO A 304 -6.92 -16.18 -20.41
CA PRO A 304 -6.48 -16.56 -21.75
C PRO A 304 -7.38 -17.62 -22.36
N ALA A 305 -7.12 -17.92 -23.63
CA ALA A 305 -7.95 -18.88 -24.33
C ALA A 305 -7.91 -20.26 -23.68
N ARG A 306 -9.07 -20.92 -23.68
CA ARG A 306 -9.24 -22.29 -23.22
C ARG A 306 -8.95 -22.40 -21.72
N SER A 307 -9.17 -21.34 -20.97
CA SER A 307 -9.14 -21.45 -19.53
C SER A 307 -10.40 -20.79 -18.99
N HIS A 308 -10.66 -21.04 -17.71
CA HIS A 308 -11.70 -20.32 -17.02
C HIS A 308 -11.19 -19.96 -15.64
N ALA A 309 -11.73 -18.86 -15.10
CA ALA A 309 -11.62 -18.50 -13.70
C ALA A 309 -13.03 -18.64 -13.16
N PRO A 310 -13.37 -19.78 -12.56
CA PRO A 310 -14.76 -19.98 -12.16
C PRO A 310 -15.15 -19.14 -10.96
N ASN A 311 -14.19 -18.69 -10.17
CA ASN A 311 -14.36 -18.03 -8.87
C ASN A 311 -13.46 -16.81 -8.78
N PRO A 312 -13.70 -15.92 -7.82
CA PRO A 312 -12.91 -14.69 -7.72
C PRO A 312 -11.52 -14.95 -7.14
N ALA A 313 -10.72 -13.88 -7.08
CA ALA A 313 -9.36 -13.91 -6.52
C ALA A 313 -8.43 -14.90 -7.23
N ALA A 314 -8.73 -15.26 -8.46
CA ALA A 314 -7.92 -16.21 -9.22
C ALA A 314 -6.49 -15.69 -9.40
N PRO A 315 -5.49 -16.43 -8.96
CA PRO A 315 -4.12 -16.13 -9.38
C PRO A 315 -3.81 -16.62 -10.80
N VAL A 316 -4.41 -17.74 -11.23
CA VAL A 316 -4.31 -18.21 -12.60
C VAL A 316 -5.68 -18.77 -13.00
N CYS A 317 -5.94 -18.82 -14.31
CA CYS A 317 -7.16 -19.45 -14.80
C CYS A 317 -6.83 -20.88 -15.18
N PRO A 318 -7.35 -21.90 -14.51
CA PRO A 318 -7.07 -23.27 -14.94
C PRO A 318 -7.64 -23.58 -16.32
N CYS A 319 -7.02 -24.51 -17.01
CA CYS A 319 -7.45 -24.91 -18.34
C CYS A 319 -8.74 -25.70 -18.26
N LEU A 320 -9.52 -25.65 -19.33
CA LEU A 320 -10.68 -26.50 -19.44
C LEU A 320 -10.24 -27.94 -19.61
N GLU A 321 -11.18 -28.87 -19.39
CA GLU A 321 -10.91 -30.30 -19.56
C GLU A 321 -10.34 -30.59 -20.93
N GLY A 322 -9.21 -31.28 -20.96
CA GLY A 322 -8.56 -31.60 -22.21
C GLY A 322 -7.54 -30.61 -22.69
N PHE A 323 -7.25 -29.56 -21.93
CA PHE A 323 -6.24 -28.59 -22.32
C PHE A 323 -5.30 -28.40 -21.16
N TYR A 324 -4.08 -27.97 -21.49
CA TYR A 324 -2.97 -27.94 -20.55
C TYR A 324 -2.14 -26.70 -20.83
N ARG A 325 -1.14 -26.47 -19.99
CA ARG A 325 -0.11 -25.45 -20.18
C ARG A 325 1.25 -26.13 -19.99
N ALA A 326 2.20 -25.86 -20.88
CA ALA A 326 3.48 -26.56 -20.79
C ALA A 326 4.42 -25.95 -19.73
N SER A 327 5.51 -26.66 -19.45
CA SER A 327 6.62 -26.17 -18.63
C SER A 327 6.85 -24.70 -18.89
N SER A 328 7.02 -24.39 -20.17
CA SER A 328 7.38 -23.08 -20.71
C SER A 328 6.23 -22.11 -20.75
N ASP A 329 5.01 -22.53 -20.40
CA ASP A 329 3.87 -21.65 -20.57
C ASP A 329 3.63 -20.83 -19.31
N PRO A 330 3.61 -19.51 -19.40
CA PRO A 330 3.29 -18.69 -18.23
C PRO A 330 1.80 -18.71 -17.96
N PRO A 331 1.37 -18.30 -16.78
CA PRO A 331 -0.07 -18.31 -16.47
C PRO A 331 -0.90 -17.47 -17.43
N GLU A 332 -0.30 -16.58 -18.16
CA GLU A 332 -1.03 -15.72 -19.08
C GLU A 332 -1.05 -16.29 -20.48
N ALA A 333 -0.44 -17.46 -20.67
CA ALA A 333 -0.54 -18.18 -21.92
C ALA A 333 -1.91 -18.81 -22.00
N PRO A 334 -2.42 -19.03 -23.19
CA PRO A 334 -3.66 -19.78 -23.33
C PRO A 334 -3.36 -21.24 -23.07
N CYS A 335 -4.42 -22.00 -22.90
CA CYS A 335 -4.20 -23.43 -22.75
C CYS A 335 -4.26 -24.09 -24.12
N THR A 336 -3.54 -25.19 -24.26
CA THR A 336 -3.36 -25.85 -25.54
C THR A 336 -3.54 -27.34 -25.34
N GLY A 337 -3.59 -28.07 -26.44
CA GLY A 337 -3.82 -29.50 -26.38
C GLY A 337 -2.87 -30.33 -27.22
N PRO A 338 -2.88 -31.63 -26.98
CA PRO A 338 -2.06 -32.54 -27.78
C PRO A 338 -2.60 -32.68 -29.20
N PRO A 339 -1.77 -33.18 -30.13
CA PRO A 339 -2.18 -33.26 -31.53
C PRO A 339 -2.94 -34.53 -31.87
N SER A 340 -3.54 -34.49 -33.07
CA SER A 340 -4.24 -35.63 -33.64
C SER A 340 -3.22 -36.51 -34.36
N ALA A 341 -3.71 -37.56 -35.16
CA ALA A 341 -2.68 -38.42 -35.75
C ALA A 341 -2.16 -37.82 -37.05
N PRO A 342 -0.90 -38.14 -37.37
CA PRO A 342 -0.35 -37.82 -38.70
C PRO A 342 -1.17 -38.47 -39.80
N GLN A 343 -1.17 -37.82 -40.97
CA GLN A 343 -2.01 -38.20 -42.09
C GLN A 343 -1.18 -38.55 -43.31
N GLU A 344 -1.78 -39.37 -44.20
CA GLU A 344 -1.26 -39.62 -45.55
C GLU A 344 0.13 -40.25 -45.52
N LEU A 345 0.28 -41.31 -44.72
CA LEU A 345 1.50 -42.11 -44.72
C LEU A 345 1.74 -42.72 -46.10
N TRP A 346 3.01 -42.77 -46.51
CA TRP A 346 3.42 -43.47 -47.71
C TRP A 346 4.94 -43.56 -47.66
N PHE A 347 5.51 -44.35 -48.56
CA PHE A 347 6.95 -44.62 -48.51
C PHE A 347 7.48 -44.80 -49.92
N GLU A 348 8.79 -45.03 -50.02
CA GLU A 348 9.50 -45.14 -51.28
C GLU A 348 10.89 -45.71 -50.99
N VAL A 349 11.40 -46.56 -51.89
CA VAL A 349 12.70 -47.20 -51.64
C VAL A 349 13.78 -46.37 -52.30
N GLN A 350 14.95 -46.33 -51.65
CA GLN A 350 16.11 -45.62 -52.18
C GLN A 350 17.35 -46.42 -51.80
N GLY A 351 17.72 -47.37 -52.67
CA GLY A 351 18.86 -48.22 -52.37
C GLY A 351 18.56 -49.18 -51.23
N SER A 352 19.54 -49.38 -50.37
CA SER A 352 19.48 -50.41 -49.33
C SER A 352 18.56 -50.01 -48.19
N ALA A 353 17.69 -49.04 -48.43
CA ALA A 353 16.91 -48.42 -47.37
C ALA A 353 15.63 -47.82 -47.96
N LEU A 354 14.78 -47.34 -47.07
CA LEU A 354 13.40 -47.03 -47.37
C LEU A 354 12.99 -45.74 -46.65
N MET A 355 12.29 -44.87 -47.35
CA MET A 355 11.93 -43.59 -46.76
C MET A 355 10.45 -43.53 -46.47
N LEU A 356 10.13 -43.31 -45.19
CA LEU A 356 8.76 -43.12 -44.75
C LEU A 356 8.38 -41.64 -44.85
N HIS A 357 7.22 -41.37 -45.43
CA HIS A 357 6.66 -40.03 -45.57
C HIS A 357 5.31 -39.91 -44.89
N TRP A 358 5.01 -38.72 -44.40
CA TRP A 358 3.66 -38.41 -43.93
C TRP A 358 3.43 -36.90 -43.95
N ARG A 359 2.24 -36.51 -43.56
CA ARG A 359 1.82 -35.12 -43.51
C ARG A 359 1.38 -34.77 -42.09
N LEU A 360 1.07 -33.49 -41.89
CA LEU A 360 0.77 -32.99 -40.55
C LEU A 360 -0.57 -33.51 -40.03
N PRO A 361 -0.71 -33.62 -38.72
CA PRO A 361 -2.02 -33.86 -38.15
C PRO A 361 -2.99 -32.74 -38.49
N ARG A 362 -4.27 -33.12 -38.57
CA ARG A 362 -5.35 -32.22 -38.89
C ARG A 362 -5.67 -31.29 -37.72
N GLU A 363 -5.28 -31.65 -36.50
CA GLU A 363 -5.43 -30.84 -35.30
C GLU A 363 -4.09 -30.76 -34.58
N LEU A 364 -3.56 -29.56 -34.45
CA LEU A 364 -2.26 -29.37 -33.80
C LEU A 364 -2.36 -28.84 -32.38
N GLY A 365 -3.57 -28.67 -31.83
CA GLY A 365 -3.71 -28.23 -30.47
C GLY A 365 -3.33 -26.79 -30.20
N GLY A 366 -3.07 -26.01 -31.25
CA GLY A 366 -2.67 -24.64 -31.05
C GLY A 366 -1.26 -24.48 -30.56
N ARG A 367 -0.38 -25.43 -30.86
CA ARG A 367 1.04 -25.21 -30.62
C ARG A 367 1.88 -25.79 -31.76
N GLY A 368 3.07 -25.23 -31.93
CA GLY A 368 3.97 -25.60 -33.00
C GLY A 368 5.24 -26.27 -32.56
N ASP A 369 5.26 -26.78 -31.34
CA ASP A 369 6.32 -27.72 -30.96
C ASP A 369 5.90 -29.17 -31.16
N LEU A 370 5.36 -29.44 -32.35
CA LEU A 370 4.99 -30.79 -32.75
C LEU A 370 6.20 -31.61 -33.15
N LEU A 371 6.35 -32.80 -32.58
CA LEU A 371 7.32 -33.71 -33.14
C LEU A 371 6.80 -35.15 -33.13
N PHE A 372 7.42 -35.98 -33.98
CA PHE A 372 6.97 -37.31 -34.34
C PHE A 372 7.91 -38.39 -33.82
N ASN A 373 7.32 -39.57 -33.59
CA ASN A 373 7.99 -40.76 -33.09
C ASN A 373 7.56 -41.94 -33.95
N VAL A 374 8.53 -42.73 -34.40
CA VAL A 374 8.27 -43.87 -35.27
C VAL A 374 8.54 -45.14 -34.49
N VAL A 375 7.64 -46.11 -34.62
CA VAL A 375 7.88 -47.43 -34.06
C VAL A 375 7.89 -48.44 -35.20
N CYS A 376 8.80 -49.40 -35.13
CA CYS A 376 8.83 -50.46 -36.11
C CYS A 376 8.46 -51.79 -35.46
N LYS A 377 7.78 -52.64 -36.23
CA LYS A 377 7.46 -54.00 -35.86
C LYS A 377 7.74 -54.92 -37.04
N GLU A 378 8.49 -56.01 -36.82
CA GLU A 378 8.53 -57.14 -37.74
C GLU A 378 7.36 -58.06 -37.41
N CYS A 379 6.48 -58.30 -38.37
CA CYS A 379 5.31 -59.15 -38.14
C CYS A 379 5.44 -60.46 -38.88
N GLU A 380 5.28 -61.55 -38.15
CA GLU A 380 5.15 -62.87 -38.76
C GLU A 380 3.66 -63.08 -39.05
N GLY A 381 3.24 -64.30 -39.33
CA GLY A 381 1.81 -64.45 -39.53
C GLY A 381 1.35 -65.74 -40.15
N ARG A 382 0.53 -65.61 -41.19
CA ARG A 382 -0.22 -66.74 -41.75
C ARG A 382 0.74 -67.75 -42.37
N GLN A 383 0.92 -68.85 -41.66
CA GLN A 383 1.62 -70.05 -42.09
C GLN A 383 0.89 -71.21 -41.44
N GLU A 384 1.53 -72.37 -41.33
CA GLU A 384 0.86 -73.57 -40.81
C GLU A 384 0.11 -73.34 -39.50
N PRO A 385 0.68 -72.66 -38.46
CA PRO A 385 -0.11 -72.39 -37.26
C PRO A 385 -0.75 -71.01 -37.24
N ALA A 386 -1.63 -70.78 -36.26
CA ALA A 386 -2.13 -69.45 -35.91
C ALA A 386 -2.85 -68.77 -37.08
N SER A 387 -4.00 -69.36 -37.43
CA SER A 387 -4.87 -68.83 -38.48
C SER A 387 -6.02 -67.98 -37.91
N GLY A 388 -5.81 -67.32 -36.77
CA GLY A 388 -6.81 -66.44 -36.19
C GLY A 388 -6.24 -65.09 -35.78
N GLY A 389 -5.34 -64.55 -36.59
CA GLY A 389 -4.56 -63.39 -36.20
C GLY A 389 -3.19 -63.75 -35.69
N GLY A 390 -2.46 -64.58 -36.45
CA GLY A 390 -1.21 -65.16 -35.99
C GLY A 390 0.08 -64.46 -36.34
N GLY A 391 0.08 -63.13 -36.29
CA GLY A 391 1.30 -62.37 -36.49
C GLY A 391 2.10 -62.17 -35.22
N THR A 392 3.34 -62.67 -35.21
CA THR A 392 4.22 -62.49 -34.05
C THR A 392 4.27 -61.03 -33.63
N CYS A 393 4.67 -60.16 -34.55
CA CYS A 393 4.71 -58.72 -34.35
C CYS A 393 5.50 -58.36 -33.08
N HIS A 394 6.78 -58.68 -33.16
CA HIS A 394 7.79 -58.15 -32.26
C HIS A 394 8.28 -56.80 -32.76
N ARG A 395 9.03 -56.10 -31.93
CA ARG A 395 9.61 -54.84 -32.39
C ARG A 395 10.87 -55.12 -33.21
N CYS A 396 11.23 -54.15 -34.04
CA CYS A 396 12.43 -54.28 -34.86
C CYS A 396 13.66 -54.65 -34.05
N ARG A 397 14.62 -55.30 -34.72
CA ARG A 397 15.90 -55.58 -34.08
C ARG A 397 16.70 -54.29 -33.92
N ASP A 398 17.91 -54.44 -33.38
CA ASP A 398 18.80 -53.30 -33.18
C ASP A 398 19.63 -52.98 -34.43
N GLU A 399 19.16 -53.38 -35.60
CA GLU A 399 19.86 -53.20 -36.86
C GLU A 399 18.96 -52.55 -37.89
N VAL A 400 18.28 -51.47 -37.51
CA VAL A 400 17.39 -50.81 -38.45
C VAL A 400 17.56 -49.30 -38.47
N HIS A 401 18.68 -48.80 -37.95
CA HIS A 401 18.81 -47.40 -37.55
C HIS A 401 18.13 -46.48 -38.56
N PHE A 402 17.24 -45.64 -38.03
CA PHE A 402 16.53 -44.65 -38.83
C PHE A 402 17.40 -43.43 -39.02
N ASP A 403 17.26 -42.76 -40.19
CA ASP A 403 18.41 -41.96 -40.57
C ASP A 403 18.64 -40.80 -39.62
N PRO A 404 17.78 -39.78 -39.53
CA PRO A 404 18.08 -38.78 -38.49
C PRO A 404 18.00 -39.44 -37.11
N ARG A 405 16.82 -39.92 -36.63
CA ARG A 405 16.76 -40.34 -35.23
C ARG A 405 15.90 -41.55 -34.90
N GLN A 406 14.79 -41.79 -35.58
CA GLN A 406 13.68 -42.63 -35.09
C GLN A 406 12.82 -42.06 -33.96
N ARG A 407 13.32 -41.12 -33.17
CA ARG A 407 12.46 -40.52 -32.17
C ARG A 407 12.81 -39.05 -32.06
N GLY A 408 11.79 -38.21 -32.01
CA GLY A 408 11.98 -36.78 -31.87
C GLY A 408 12.07 -36.02 -33.16
N LEU A 409 11.51 -36.53 -34.25
CA LEU A 409 11.63 -35.89 -35.55
C LEU A 409 10.75 -34.64 -35.62
N THR A 410 11.30 -33.54 -36.17
CA THR A 410 10.48 -32.36 -36.46
C THR A 410 9.91 -32.37 -37.87
N GLU A 411 10.43 -33.20 -38.77
CA GLU A 411 9.97 -33.26 -40.14
C GLU A 411 9.13 -34.51 -40.38
N SER A 412 8.24 -34.43 -41.37
CA SER A 412 7.28 -35.50 -41.64
C SER A 412 7.89 -36.58 -42.54
N ARG A 413 9.07 -37.05 -42.15
CA ARG A 413 9.76 -38.06 -42.94
C ARG A 413 10.87 -38.70 -42.11
N VAL A 414 11.26 -39.89 -42.54
CA VAL A 414 12.40 -40.56 -41.96
C VAL A 414 12.87 -41.60 -42.94
N LEU A 415 14.17 -41.83 -42.95
CA LEU A 415 14.75 -42.90 -43.74
C LEU A 415 14.92 -44.08 -42.82
N VAL A 416 14.48 -45.24 -43.26
CA VAL A 416 14.50 -46.43 -42.44
C VAL A 416 15.60 -47.35 -42.94
N GLY A 417 16.43 -47.79 -42.01
CA GLY A 417 17.67 -48.46 -42.34
C GLY A 417 17.50 -49.94 -42.59
N GLY A 418 18.24 -50.77 -41.85
CA GLY A 418 18.48 -52.13 -42.31
C GLY A 418 17.37 -53.14 -42.18
N LEU A 419 16.28 -52.99 -42.93
CA LEU A 419 15.15 -53.90 -42.83
C LEU A 419 15.17 -54.98 -43.91
N ARG A 420 14.71 -56.17 -43.52
CA ARG A 420 14.96 -57.41 -44.25
C ARG A 420 14.17 -57.46 -45.55
N ALA A 421 14.54 -58.46 -46.37
CA ALA A 421 14.14 -58.54 -47.77
C ALA A 421 12.65 -58.80 -47.96
N HIS A 422 12.15 -59.96 -47.50
CA HIS A 422 10.72 -60.22 -47.62
C HIS A 422 9.96 -60.11 -46.31
N VAL A 423 10.66 -60.01 -45.17
CA VAL A 423 10.02 -59.89 -43.86
C VAL A 423 9.03 -58.73 -43.94
N PRO A 424 7.78 -58.90 -43.52
CA PRO A 424 6.83 -57.79 -43.58
C PRO A 424 6.91 -56.93 -42.33
N TYR A 425 6.99 -55.63 -42.51
CA TYR A 425 7.07 -54.73 -41.37
C TYR A 425 5.81 -53.88 -41.27
N ILE A 426 5.62 -53.28 -40.11
CA ILE A 426 4.57 -52.28 -39.95
C ILE A 426 5.18 -51.09 -39.23
N LEU A 427 4.94 -49.90 -39.78
CA LEU A 427 5.59 -48.68 -39.31
C LEU A 427 4.52 -47.75 -38.77
N GLU A 428 4.62 -47.44 -37.49
CA GLU A 428 3.68 -46.58 -36.80
C GLU A 428 4.35 -45.24 -36.53
N VAL A 429 3.56 -44.17 -36.65
CA VAL A 429 4.05 -42.81 -36.51
C VAL A 429 3.16 -42.13 -35.49
N GLN A 430 3.75 -41.71 -34.36
CA GLN A 430 3.03 -41.02 -33.28
C GLN A 430 3.29 -39.53 -33.35
N ALA A 431 2.25 -38.74 -33.04
CA ALA A 431 2.39 -37.29 -32.90
C ALA A 431 2.39 -36.90 -31.43
N VAL A 432 3.06 -35.80 -31.12
CA VAL A 432 3.24 -35.29 -29.76
C VAL A 432 3.50 -33.80 -29.82
N ASN A 433 3.24 -33.09 -28.74
CA ASN A 433 3.72 -31.70 -28.67
C ASN A 433 4.02 -31.37 -27.20
N GLY A 434 4.11 -30.09 -26.87
CA GLY A 434 4.67 -29.68 -25.58
C GLY A 434 3.78 -29.97 -24.38
N VAL A 435 2.49 -30.19 -24.62
CA VAL A 435 1.63 -30.85 -23.67
C VAL A 435 1.58 -32.32 -24.16
N SER A 436 0.92 -33.17 -23.41
CA SER A 436 0.95 -34.64 -23.54
C SER A 436 2.09 -35.29 -22.79
N GLU A 437 2.98 -34.54 -22.16
CA GLU A 437 3.47 -34.99 -20.87
C GLU A 437 2.33 -34.98 -19.85
N LEU A 438 1.26 -34.23 -20.14
CA LEU A 438 0.41 -33.62 -19.13
C LEU A 438 -0.87 -34.38 -18.87
N SER A 439 -1.59 -34.79 -19.90
CA SER A 439 -2.14 -36.14 -19.86
C SER A 439 -1.88 -36.73 -21.21
N PRO A 440 -1.14 -37.82 -21.27
CA PRO A 440 -1.58 -38.90 -22.12
C PRO A 440 -2.88 -39.56 -21.63
N ASP A 441 -3.86 -39.52 -22.52
CA ASP A 441 -4.26 -40.73 -23.17
C ASP A 441 -3.07 -41.12 -24.04
N PRO A 442 -2.90 -42.38 -24.42
CA PRO A 442 -1.82 -42.71 -25.38
C PRO A 442 -1.73 -41.71 -26.52
N PRO A 443 -0.55 -41.44 -27.03
CA PRO A 443 -0.43 -40.51 -28.15
C PRO A 443 -1.21 -40.99 -29.37
N GLN A 444 -1.77 -40.03 -30.08
CA GLN A 444 -2.46 -40.28 -31.34
C GLN A 444 -1.48 -40.79 -32.40
N ALA A 445 -1.93 -41.69 -33.27
CA ALA A 445 -0.95 -42.33 -34.14
C ALA A 445 -1.58 -42.84 -35.44
N ALA A 446 -0.70 -43.28 -36.34
CA ALA A 446 -1.08 -43.86 -37.63
C ALA A 446 -0.02 -44.88 -38.01
N ALA A 447 -0.42 -45.88 -38.79
CA ALA A 447 0.56 -46.87 -39.20
C ALA A 447 0.24 -47.35 -40.60
N ILE A 448 1.22 -48.02 -41.19
CA ILE A 448 1.12 -48.40 -42.59
C ILE A 448 1.78 -49.75 -42.74
N ASN A 449 1.09 -50.66 -43.43
CA ASN A 449 1.72 -51.91 -43.81
C ASN A 449 2.72 -51.64 -44.91
N VAL A 450 3.88 -52.28 -44.81
CA VAL A 450 4.98 -51.99 -45.72
C VAL A 450 5.72 -53.29 -46.04
N SER A 451 5.91 -53.56 -47.34
CA SER A 451 6.59 -54.75 -47.85
C SER A 451 7.58 -54.34 -48.93
N THR A 452 8.82 -54.87 -48.85
CA THR A 452 9.96 -54.22 -49.51
C THR A 452 9.94 -54.37 -51.03
N SER A 453 9.99 -55.60 -51.58
CA SER A 453 10.41 -55.80 -52.99
C SER A 453 9.24 -56.12 -53.94
N HIS A 454 9.51 -56.02 -55.25
CA HIS A 454 8.48 -56.04 -56.29
C HIS A 454 9.03 -56.71 -57.54
N GLU A 455 8.19 -57.52 -58.22
CA GLU A 455 8.65 -58.41 -59.29
C GLU A 455 7.51 -58.72 -60.28
N VAL A 456 7.85 -59.47 -61.33
CA VAL A 456 6.93 -59.96 -62.38
C VAL A 456 6.23 -58.84 -63.13
N PRO A 457 6.89 -58.19 -64.12
CA PRO A 457 6.27 -57.07 -64.85
C PRO A 457 4.90 -57.36 -65.45
N SER A 458 4.18 -56.30 -65.84
CA SER A 458 2.79 -56.41 -66.24
C SER A 458 2.65 -56.94 -67.66
N ALA A 459 1.81 -57.95 -67.84
CA ALA A 459 1.50 -58.52 -69.14
C ALA A 459 -0.02 -58.68 -69.24
N VAL A 460 -0.60 -58.22 -70.36
CA VAL A 460 -2.04 -58.32 -70.60
C VAL A 460 -2.32 -58.88 -71.99
C1 NAG B . -1.96 -54.59 -42.17
C2 NAG B . -3.37 -53.96 -41.96
C3 NAG B . -4.29 -54.88 -41.15
C4 NAG B . -4.26 -56.31 -41.68
C5 NAG B . -2.81 -56.78 -41.72
C6 NAG B . -2.64 -58.21 -42.20
C7 NAG B . -2.67 -51.59 -41.85
C8 NAG B . -2.65 -50.35 -41.00
N2 NAG B . -3.25 -52.66 -41.30
O3 NAG B . -5.62 -54.36 -41.22
O4 NAG B . -5.03 -57.17 -40.85
O5 NAG B . -2.11 -55.94 -42.63
O6 NAG B . -2.63 -58.33 -43.62
O7 NAG B . -2.18 -51.62 -42.99
C1 NAG B . -6.39 -57.43 -40.77
C2 NAG B . -6.68 -58.42 -39.64
C3 NAG B . -8.03 -59.11 -39.86
C4 NAG B . -9.13 -58.06 -40.07
C5 NAG B . -8.74 -57.08 -41.18
C6 NAG B . -9.72 -55.94 -41.35
C7 NAG B . -5.12 -59.84 -38.37
C8 NAG B . -3.99 -60.82 -38.46
N2 NAG B . -5.61 -59.40 -39.53
O3 NAG B . -8.36 -59.93 -38.74
O4 NAG B . -10.36 -58.69 -40.39
O5 NAG B . -7.46 -56.49 -40.89
O6 NAG B . -9.15 -54.89 -42.11
O7 NAG B . -5.58 -59.47 -37.27
#